data_6O4P
#
_entry.id   6O4P
#
_cell.length_a   171.456
_cell.length_b   171.456
_cell.length_c   107.944
_cell.angle_alpha   90.00
_cell.angle_beta   90.00
_cell.angle_gamma   120.00
#
_symmetry.space_group_name_H-M   'P 65 2 2'
#
loop_
_entity.id
_entity.type
_entity.pdbx_description
1 polymer 'Interleukin-11 receptor subunit alpha'
2 branched alpha-D-mannopyranose-(1-3)-beta-D-mannopyranose-(1-4)-2-acetamido-2-deoxy-beta-D-glucopyranose-(1-4)-2-acetamido-2-deoxy-beta-D-glucopyranose
3 branched 2-acetamido-2-deoxy-beta-D-glucopyranose-(1-4)-2-acetamido-2-deoxy-beta-D-glucopyranose
4 non-polymer 2-acetamido-2-deoxy-beta-D-glucopyranose
5 non-polymer 'SULFATE ION'
#
_entity_poly.entity_id   1
_entity_poly.type   'polypeptide(L)'
_entity_poly.pdbx_seq_one_letter_code
;SSPCPQAWGPPGVQYGQPGRSVKLCCPGVTAGDPVSWFRDGEPKLLQGPDSGLGHELVLAQADSTDEGTYICQTLDGALG
GTVTLQLGYPPARPVVSCQAADYENFSCTWSPSQISGLPTRYLTSYRKKTVLGADSQRRSPSTGPWPCPQDPLGAARCVV
HGAEFWSQYRINVTEVNPLGASTRLLDVSLQSILRPDPPQGLRVESVPGYPRRLRASWTYPASWPSQPHFLLKFRLQYRP
AQHPAWSTVEPAGLEEVITDAVAGLPHAVRVSARDFLDAGTWSTWSPEAWGTPSTGTIPKEIPAWGQLHTQPEVEPQVDS
PAPPRPSLQPHPRLLDHRDSVHHHHHHHH
;
_entity_poly.pdbx_strand_id   A,B
#
# COMPACT_ATOMS: atom_id res chain seq x y z
N SER A 2 14.06 -21.10 3.22
CA SER A 2 15.27 -21.93 3.11
C SER A 2 15.65 -22.29 1.66
N PRO A 3 14.71 -22.85 0.86
CA PRO A 3 15.07 -23.18 -0.53
C PRO A 3 15.36 -21.94 -1.36
N CYS A 4 16.54 -21.35 -1.17
CA CYS A 4 16.96 -20.14 -1.86
C CYS A 4 15.95 -19.03 -1.63
N PRO A 5 15.98 -18.37 -0.47
CA PRO A 5 14.99 -17.33 -0.18
C PRO A 5 15.10 -16.13 -1.10
N GLN A 6 14.15 -16.00 -2.02
CA GLN A 6 14.08 -14.84 -2.90
C GLN A 6 13.06 -13.85 -2.34
N ALA A 7 13.37 -12.56 -2.50
CA ALA A 7 12.50 -11.52 -1.97
C ALA A 7 11.44 -11.17 -3.01
N TRP A 8 10.55 -10.25 -2.64
CA TRP A 8 9.48 -9.84 -3.54
C TRP A 8 10.02 -9.03 -4.70
N GLY A 9 9.70 -9.46 -5.92
CA GLY A 9 10.15 -8.79 -7.11
C GLY A 9 9.97 -9.65 -8.35
N PRO A 10 10.71 -9.34 -9.41
CA PRO A 10 10.66 -10.16 -10.62
C PRO A 10 11.13 -11.57 -10.35
N PRO A 11 10.43 -12.57 -10.89
CA PRO A 11 10.82 -13.97 -10.66
C PRO A 11 12.16 -14.27 -11.32
N GLY A 12 13.12 -14.74 -10.52
CA GLY A 12 14.42 -15.12 -11.03
C GLY A 12 15.50 -14.08 -10.86
N VAL A 13 15.28 -13.05 -10.03
CA VAL A 13 16.25 -11.99 -9.83
C VAL A 13 16.69 -11.99 -8.37
N GLN A 14 17.98 -11.74 -8.16
CA GLN A 14 18.53 -11.55 -6.82
C GLN A 14 19.26 -10.22 -6.80
N TYR A 15 19.37 -9.63 -5.61
CA TYR A 15 19.74 -8.24 -5.47
C TYR A 15 21.00 -8.07 -4.63
N GLY A 16 21.62 -6.91 -4.78
CA GLY A 16 22.82 -6.56 -4.03
C GLY A 16 23.01 -5.06 -4.07
N GLN A 17 24.13 -4.62 -3.48
CA GLN A 17 24.45 -3.21 -3.39
C GLN A 17 25.76 -2.93 -4.11
N PRO A 18 25.83 -1.86 -4.93
CA PRO A 18 27.09 -1.54 -5.59
C PRO A 18 28.16 -1.16 -4.59
N GLY A 19 29.40 -1.50 -4.91
CA GLY A 19 30.53 -1.27 -4.03
C GLY A 19 30.69 -2.25 -2.91
N ARG A 20 29.65 -3.04 -2.60
CA ARG A 20 29.70 -4.03 -1.56
C ARG A 20 29.93 -5.41 -2.16
N SER A 21 29.87 -6.44 -1.33
CA SER A 21 29.97 -7.83 -1.77
C SER A 21 28.57 -8.45 -1.78
N VAL A 22 28.20 -9.03 -2.92
CA VAL A 22 26.89 -9.61 -3.09
C VAL A 22 27.01 -11.13 -3.02
N LYS A 23 25.91 -11.79 -2.69
CA LYS A 23 25.87 -13.25 -2.55
C LYS A 23 24.69 -13.78 -3.35
N LEU A 24 24.98 -14.50 -4.43
CA LEU A 24 23.94 -15.16 -5.20
C LEU A 24 23.68 -16.56 -4.63
N CYS A 25 22.50 -17.09 -4.95
CA CYS A 25 22.11 -18.40 -4.47
C CYS A 25 21.45 -19.17 -5.61
N CYS A 26 21.69 -20.48 -5.64
CA CYS A 26 21.10 -21.31 -6.67
C CYS A 26 19.71 -21.76 -6.25
N PRO A 27 18.68 -21.54 -7.09
CA PRO A 27 17.30 -21.85 -6.68
C PRO A 27 17.02 -23.33 -6.52
N GLY A 28 17.21 -24.11 -7.58
CA GLY A 28 16.88 -25.51 -7.57
C GLY A 28 17.93 -26.39 -6.92
N VAL A 29 18.28 -26.08 -5.67
CA VAL A 29 19.30 -26.82 -4.94
C VAL A 29 18.75 -27.20 -3.58
N THR A 30 19.43 -28.15 -2.93
CA THR A 30 19.03 -28.68 -1.63
C THR A 30 20.00 -28.23 -0.53
N ALA A 31 20.53 -27.01 -0.65
CA ALA A 31 21.41 -26.40 0.34
C ALA A 31 22.60 -27.29 0.66
N GLY A 32 23.59 -27.30 -0.23
CA GLY A 32 24.78 -28.10 0.00
C GLY A 32 25.35 -28.74 -1.26
N ASP A 33 24.46 -29.08 -2.19
CA ASP A 33 24.89 -29.68 -3.45
C ASP A 33 25.80 -28.70 -4.21
N PRO A 34 27.05 -29.04 -4.45
CA PRO A 34 27.95 -28.12 -5.14
C PRO A 34 27.53 -27.90 -6.59
N VAL A 35 27.62 -26.65 -7.03
CA VAL A 35 27.19 -26.25 -8.37
C VAL A 35 28.32 -25.45 -9.04
N SER A 36 28.14 -25.19 -10.32
CA SER A 36 29.07 -24.39 -11.11
C SER A 36 28.39 -23.10 -11.56
N TRP A 37 29.14 -22.00 -11.52
CA TRP A 37 28.61 -20.68 -11.81
C TRP A 37 29.28 -20.11 -13.05
N PHE A 38 28.48 -19.74 -14.05
CA PHE A 38 28.97 -19.12 -15.27
C PHE A 38 28.20 -17.84 -15.54
N ARG A 39 28.94 -16.77 -15.88
CA ARG A 39 28.32 -15.59 -16.46
C ARG A 39 28.04 -15.88 -17.93
N ASP A 40 26.77 -15.79 -18.33
CA ASP A 40 26.40 -16.15 -19.70
C ASP A 40 27.14 -15.27 -20.70
N GLY A 41 27.80 -15.89 -21.66
CA GLY A 41 28.64 -15.18 -22.61
C GLY A 41 30.10 -15.12 -22.22
N GLU A 42 30.41 -15.25 -20.93
CA GLU A 42 31.79 -15.28 -20.45
C GLU A 42 32.04 -16.66 -19.86
N PRO A 43 32.72 -17.55 -20.59
CA PRO A 43 32.85 -18.95 -20.15
C PRO A 43 33.79 -19.16 -18.97
N LYS A 44 34.41 -18.13 -18.43
CA LYS A 44 35.30 -18.29 -17.28
C LYS A 44 34.48 -18.69 -16.05
N LEU A 45 34.69 -19.92 -15.58
CA LEU A 45 33.98 -20.41 -14.40
C LEU A 45 34.40 -19.61 -13.18
N LEU A 46 33.43 -19.05 -12.47
CA LEU A 46 33.73 -18.27 -11.27
C LEU A 46 34.11 -19.20 -10.11
N GLN A 47 33.17 -20.05 -9.69
CA GLN A 47 33.42 -21.01 -8.63
C GLN A 47 33.04 -22.40 -9.10
N GLY A 48 33.94 -23.36 -8.88
CA GLY A 48 33.68 -24.74 -9.19
C GLY A 48 32.81 -25.40 -8.13
N PRO A 49 32.54 -26.69 -8.34
CA PRO A 49 31.77 -27.45 -7.34
C PRO A 49 32.47 -27.48 -5.99
N ASP A 50 33.71 -27.96 -5.97
CA ASP A 50 34.50 -28.03 -4.74
C ASP A 50 35.08 -26.65 -4.40
N SER A 51 34.17 -25.69 -4.22
CA SER A 51 34.55 -24.32 -3.87
C SER A 51 34.70 -24.13 -2.37
N GLY A 52 33.88 -24.79 -1.57
CA GLY A 52 33.93 -24.71 -0.11
C GLY A 52 32.66 -24.20 0.52
N LEU A 53 31.94 -23.31 -0.16
CA LEU A 53 30.69 -22.76 0.35
C LEU A 53 29.47 -23.27 -0.41
N GLY A 54 29.66 -24.19 -1.36
CA GLY A 54 28.57 -24.94 -1.93
C GLY A 54 27.69 -24.25 -2.96
N HIS A 55 26.40 -24.17 -2.68
CA HIS A 55 25.38 -23.80 -3.65
C HIS A 55 25.27 -22.30 -3.89
N GLU A 56 26.08 -21.48 -3.23
CA GLU A 56 25.98 -20.03 -3.34
C GLU A 56 27.20 -19.48 -4.06
N LEU A 57 27.24 -18.16 -4.22
CA LEU A 57 28.33 -17.49 -4.91
C LEU A 57 28.46 -16.07 -4.40
N VAL A 58 29.66 -15.71 -3.96
CA VAL A 58 29.97 -14.37 -3.50
C VAL A 58 30.76 -13.65 -4.59
N LEU A 59 30.58 -12.33 -4.66
CA LEU A 59 31.31 -11.49 -5.59
C LEU A 59 32.05 -10.42 -4.81
N ALA A 60 33.33 -10.23 -5.15
CA ALA A 60 34.21 -9.35 -4.39
C ALA A 60 33.71 -7.90 -4.39
N GLN A 61 33.70 -7.27 -5.55
CA GLN A 61 33.29 -5.88 -5.68
C GLN A 61 32.18 -5.82 -6.71
N ALA A 62 30.95 -5.57 -6.25
CA ALA A 62 29.80 -5.53 -7.15
C ALA A 62 29.83 -4.26 -7.98
N ASP A 63 29.72 -4.42 -9.30
CA ASP A 63 29.67 -3.29 -10.22
C ASP A 63 28.77 -3.65 -11.38
N SER A 64 28.56 -2.68 -12.28
CA SER A 64 27.69 -2.89 -13.43
C SER A 64 28.20 -3.97 -14.36
N THR A 65 29.51 -4.23 -14.36
CA THR A 65 30.04 -5.30 -15.20
C THR A 65 29.67 -6.67 -14.65
N ASP A 66 29.48 -6.79 -13.34
CA ASP A 66 29.03 -8.02 -12.73
C ASP A 66 27.50 -8.15 -12.73
N GLU A 67 26.79 -7.03 -12.89
CA GLU A 67 25.35 -7.06 -12.97
C GLU A 67 24.93 -7.72 -14.27
N GLY A 68 24.13 -8.78 -14.18
CA GLY A 68 23.70 -9.49 -15.37
C GLY A 68 23.05 -10.82 -15.09
N THR A 69 23.36 -11.82 -15.91
CA THR A 69 22.71 -13.13 -15.86
C THR A 69 23.72 -14.18 -15.43
N TYR A 70 23.33 -14.99 -14.44
CA TYR A 70 24.18 -16.05 -13.92
C TYR A 70 23.43 -17.37 -13.99
N ILE A 71 24.16 -18.45 -14.32
CA ILE A 71 23.60 -19.78 -14.46
C ILE A 71 24.31 -20.72 -13.50
N CYS A 72 23.53 -21.44 -12.69
CA CYS A 72 24.06 -22.42 -11.75
C CYS A 72 23.47 -23.78 -12.06
N GLN A 73 24.33 -24.80 -12.13
CA GLN A 73 23.89 -26.17 -12.40
C GLN A 73 24.67 -27.13 -11.51
N THR A 74 23.99 -28.18 -11.05
CA THR A 74 24.62 -29.15 -10.17
C THR A 74 25.52 -30.09 -10.96
N LEU A 75 26.12 -31.06 -10.26
CA LEU A 75 26.98 -32.04 -10.90
C LEU A 75 26.18 -33.02 -11.73
N ASP A 76 25.10 -33.57 -11.15
CA ASP A 76 24.21 -34.50 -11.84
C ASP A 76 23.90 -34.07 -13.26
N GLY A 77 23.45 -32.83 -13.44
CA GLY A 77 23.02 -32.37 -14.74
C GLY A 77 21.57 -31.91 -14.72
N ALA A 78 21.03 -31.73 -13.52
CA ALA A 78 19.69 -31.19 -13.33
C ALA A 78 19.85 -29.70 -13.03
N LEU A 79 19.49 -28.86 -13.99
CA LEU A 79 19.78 -27.44 -13.86
C LEU A 79 18.87 -26.83 -12.79
N GLY A 80 19.48 -26.14 -11.83
CA GLY A 80 18.69 -25.52 -10.78
C GLY A 80 17.91 -24.31 -11.25
N GLY A 81 18.49 -23.52 -12.13
CA GLY A 81 17.81 -22.35 -12.65
C GLY A 81 18.81 -21.28 -13.04
N THR A 82 18.26 -20.16 -13.50
CA THR A 82 19.04 -19.00 -13.89
C THR A 82 18.75 -17.85 -12.93
N VAL A 83 19.80 -17.11 -12.56
CA VAL A 83 19.70 -16.04 -11.58
C VAL A 83 20.21 -14.75 -12.20
N THR A 84 19.42 -13.69 -12.07
CA THR A 84 19.77 -12.37 -12.58
C THR A 84 20.15 -11.46 -11.41
N LEU A 85 21.29 -10.79 -11.53
CA LEU A 85 21.78 -9.90 -10.48
C LEU A 85 21.35 -8.48 -10.77
N GLN A 86 20.68 -7.85 -9.81
CA GLN A 86 20.27 -6.46 -9.90
C GLN A 86 20.91 -5.67 -8.76
N LEU A 87 21.36 -4.47 -9.06
CA LEU A 87 22.04 -3.63 -8.08
C LEU A 87 21.11 -2.54 -7.57
N GLY A 88 21.27 -2.19 -6.30
CA GLY A 88 20.43 -1.17 -5.70
C GLY A 88 20.91 -0.81 -4.32
N TYR A 89 20.09 -0.02 -3.63
CA TYR A 89 20.48 0.52 -2.34
C TYR A 89 19.52 0.07 -1.25
N PRO A 90 19.99 -0.02 -0.01
CA PRO A 90 19.08 -0.28 1.11
C PRO A 90 18.09 0.86 1.28
N PRO A 91 16.96 0.61 1.93
CA PRO A 91 15.94 1.66 2.02
C PRO A 91 16.29 2.73 3.04
N ALA A 92 15.85 3.94 2.75
CA ALA A 92 16.00 5.05 3.68
C ALA A 92 14.69 5.26 4.43
N ARG A 93 14.80 5.93 5.59
CA ARG A 93 13.65 6.19 6.44
C ARG A 93 12.62 7.02 5.71
N PRO A 94 11.46 6.46 5.38
CA PRO A 94 10.47 7.20 4.59
C PRO A 94 9.92 8.41 5.33
N VAL A 95 9.37 9.33 4.56
CA VAL A 95 8.78 10.55 5.09
C VAL A 95 7.32 10.28 5.45
N VAL A 96 6.98 10.45 6.71
CA VAL A 96 5.64 10.17 7.21
C VAL A 96 5.01 11.47 7.70
N SER A 97 3.73 11.66 7.39
CA SER A 97 2.98 12.82 7.83
C SER A 97 1.54 12.43 8.05
N CYS A 98 1.02 12.68 9.25
CA CYS A 98 -0.33 12.31 9.63
C CYS A 98 -1.22 13.55 9.70
N GLN A 99 -2.53 13.32 9.71
CA GLN A 99 -3.50 14.40 9.76
C GLN A 99 -4.83 13.85 10.25
N ALA A 100 -5.70 14.75 10.67
CA ALA A 100 -7.00 14.36 11.22
C ALA A 100 -8.03 15.44 10.93
N ALA A 101 -9.24 15.01 10.57
CA ALA A 101 -10.37 15.89 10.38
C ALA A 101 -11.39 15.81 11.50
N ASP A 102 -11.39 14.72 12.27
CA ASP A 102 -12.27 14.53 13.40
C ASP A 102 -11.46 14.09 14.61
N TYR A 103 -12.11 14.08 15.77
CA TYR A 103 -11.46 13.73 17.02
C TYR A 103 -11.46 12.22 17.29
N GLU A 104 -11.91 11.41 16.35
CA GLU A 104 -11.99 9.96 16.56
C GLU A 104 -11.08 9.16 15.64
N ASN A 105 -10.99 9.52 14.37
CA ASN A 105 -10.15 8.79 13.42
C ASN A 105 -9.15 9.75 12.78
N PHE A 106 -7.92 9.28 12.59
CA PHE A 106 -6.92 10.03 11.84
C PHE A 106 -6.26 9.08 10.84
N SER A 107 -5.57 9.68 9.86
CA SER A 107 -4.97 8.91 8.78
C SER A 107 -3.59 9.46 8.47
N CYS A 108 -2.66 8.56 8.18
CA CYS A 108 -1.28 8.92 7.90
C CYS A 108 -0.92 8.57 6.47
N THR A 109 0.03 9.34 5.92
CA THR A 109 0.56 9.10 4.58
C THR A 109 2.07 8.99 4.67
N TRP A 110 2.66 8.34 3.67
CA TRP A 110 4.10 8.12 3.66
C TRP A 110 4.62 8.19 2.23
N SER A 111 5.94 8.45 2.13
CA SER A 111 6.64 8.52 0.85
C SER A 111 8.10 8.21 1.10
N PRO A 112 8.79 7.53 0.19
CA PRO A 112 10.21 7.22 0.41
C PRO A 112 11.05 8.49 0.37
N SER A 113 11.92 8.65 1.38
CA SER A 113 12.77 9.83 1.45
C SER A 113 13.89 9.82 0.41
N GLN A 114 14.15 8.67 -0.21
CA GLN A 114 15.24 8.57 -1.17
C GLN A 114 15.00 7.33 -2.03
N ILE A 115 15.37 7.43 -3.31
CA ILE A 115 15.13 6.33 -4.24
C ILE A 115 16.08 5.19 -3.93
N SER A 116 15.53 3.96 -3.90
CA SER A 116 16.33 2.76 -3.81
C SER A 116 16.42 1.98 -5.11
N GLY A 117 15.45 2.15 -6.01
CA GLY A 117 15.46 1.49 -7.30
C GLY A 117 15.02 0.05 -7.28
N LEU A 118 14.63 -0.50 -6.13
CA LEU A 118 14.24 -1.88 -5.96
C LEU A 118 12.77 -1.99 -5.58
N PRO A 119 12.13 -3.12 -5.89
CA PRO A 119 10.73 -3.31 -5.46
C PRO A 119 10.60 -3.17 -3.95
N THR A 120 9.58 -2.43 -3.52
CA THR A 120 9.47 -1.98 -2.16
C THR A 120 8.06 -2.16 -1.62
N ARG A 121 7.95 -2.59 -0.37
CA ARG A 121 6.70 -2.67 0.35
C ARG A 121 6.80 -1.84 1.62
N TYR A 122 5.67 -1.70 2.31
CA TYR A 122 5.61 -0.86 3.50
C TYR A 122 4.80 -1.55 4.58
N LEU A 123 5.35 -1.62 5.79
CA LEU A 123 4.64 -2.09 6.96
C LEU A 123 4.23 -0.90 7.82
N THR A 124 2.96 -0.88 8.22
CA THR A 124 2.39 0.21 8.98
C THR A 124 1.87 -0.31 10.31
N SER A 125 2.26 0.33 11.40
CA SER A 125 1.81 -0.06 12.72
C SER A 125 1.83 1.15 13.64
N TYR A 126 1.20 0.99 14.80
CA TYR A 126 1.12 2.05 15.80
C TYR A 126 0.86 1.44 17.16
N ARG A 127 1.14 2.23 18.20
CA ARG A 127 0.88 1.81 19.56
C ARG A 127 0.57 3.04 20.40
N LYS A 128 -0.31 2.86 21.39
CA LYS A 128 -0.69 3.95 22.28
C LYS A 128 0.28 4.05 23.44
N LYS A 129 0.79 5.26 23.67
CA LYS A 129 1.59 5.54 24.86
C LYS A 129 0.77 6.16 25.98
N THR A 130 -0.52 6.43 25.73
CA THR A 130 -1.48 6.83 26.76
C THR A 130 -1.02 8.13 27.42
N VAL A 131 -1.51 8.40 28.64
CA VAL A 131 -1.18 9.60 29.41
C VAL A 131 -1.76 10.82 28.71
N SER A 140 -1.30 3.08 31.34
CA SER A 140 -0.31 4.15 31.39
C SER A 140 0.90 3.98 30.45
N PRO A 141 1.46 2.75 30.30
CA PRO A 141 2.62 2.61 29.42
C PRO A 141 2.25 2.26 27.99
N SER A 142 3.24 1.86 27.22
CA SER A 142 3.02 1.52 25.82
C SER A 142 2.16 0.28 25.68
N THR A 143 1.11 0.36 24.87
CA THR A 143 0.29 -0.81 24.57
C THR A 143 0.92 -1.60 23.43
N GLY A 144 0.43 -2.81 23.22
CA GLY A 144 0.96 -3.68 22.20
C GLY A 144 0.87 -3.05 20.83
N PRO A 145 1.77 -3.44 19.92
CA PRO A 145 1.76 -2.85 18.58
C PRO A 145 0.50 -3.26 17.83
N TRP A 146 -0.18 -2.29 17.24
CA TRP A 146 -1.38 -2.52 16.47
C TRP A 146 -1.17 -2.11 15.02
N PRO A 147 -1.79 -2.81 14.07
CA PRO A 147 -1.55 -2.50 12.66
C PRO A 147 -2.27 -1.23 12.24
N CYS A 148 -1.61 -0.45 11.38
CA CYS A 148 -2.27 0.68 10.74
C CYS A 148 -2.79 0.19 9.40
N PRO A 149 -4.07 -0.14 9.28
CA PRO A 149 -4.55 -0.74 8.03
C PRO A 149 -4.38 0.20 6.85
N GLN A 150 -3.57 -0.23 5.88
CA GLN A 150 -3.30 0.61 4.73
C GLN A 150 -4.55 0.75 3.85
N ASP A 151 -4.59 1.82 3.07
CA ASP A 151 -5.71 2.07 2.21
C ASP A 151 -5.73 1.08 1.05
N PRO A 152 -6.90 0.58 0.65
CA PRO A 152 -6.95 -0.26 -0.55
C PRO A 152 -6.76 0.59 -1.78
N LEU A 153 -7.03 0.03 -2.96
CA LEU A 153 -6.86 0.73 -4.23
C LEU A 153 -5.41 1.19 -4.45
N GLY A 154 -4.46 0.55 -3.78
CA GLY A 154 -3.06 0.89 -3.96
C GLY A 154 -2.61 2.23 -3.45
N ALA A 155 -3.32 2.83 -2.50
CA ALA A 155 -2.92 4.13 -1.99
C ALA A 155 -1.91 3.98 -0.86
N ALA A 156 -0.98 4.92 -0.79
CA ALA A 156 0.03 4.96 0.27
C ALA A 156 -0.54 5.77 1.43
N ARG A 157 -1.41 5.11 2.20
CA ARG A 157 -2.16 5.80 3.25
C ARG A 157 -2.72 4.75 4.20
N CYS A 158 -2.41 4.88 5.48
CA CYS A 158 -2.96 4.01 6.51
C CYS A 158 -3.86 4.82 7.44
N VAL A 159 -4.91 4.18 7.92
CA VAL A 159 -5.94 4.85 8.72
C VAL A 159 -5.93 4.28 10.12
N VAL A 160 -6.26 5.13 11.09
CA VAL A 160 -6.42 4.73 12.48
C VAL A 160 -7.83 5.11 12.89
N HIS A 161 -8.62 4.11 13.27
CA HIS A 161 -10.02 4.30 13.61
C HIS A 161 -10.23 4.14 15.11
N GLY A 162 -11.20 4.87 15.64
CA GLY A 162 -11.53 4.79 17.05
C GLY A 162 -10.35 5.15 17.94
N ALA A 163 -9.66 6.24 17.61
CA ALA A 163 -8.48 6.64 18.35
C ALA A 163 -8.88 7.43 19.60
N GLU A 164 -7.97 7.43 20.57
CA GLU A 164 -8.16 8.15 21.82
C GLU A 164 -7.63 9.57 21.67
N PHE A 165 -8.47 10.55 21.98
CA PHE A 165 -8.10 11.94 21.73
C PHE A 165 -6.99 12.42 22.67
N TRP A 166 -6.97 11.91 23.89
CA TRP A 166 -6.00 12.36 24.88
C TRP A 166 -4.70 11.56 24.87
N SER A 167 -4.66 10.43 24.15
CA SER A 167 -3.47 9.61 24.12
C SER A 167 -2.45 10.16 23.14
N GLN A 168 -1.25 9.59 23.16
CA GLN A 168 -0.18 9.95 22.25
C GLN A 168 0.29 8.70 21.52
N TYR A 169 0.34 8.77 20.19
CA TYR A 169 0.63 7.61 19.36
C TYR A 169 2.04 7.71 18.79
N ARG A 170 2.56 6.56 18.37
CA ARG A 170 3.84 6.46 17.69
C ARG A 170 3.63 5.63 16.44
N ILE A 171 3.65 6.28 15.28
CA ILE A 171 3.35 5.62 14.02
C ILE A 171 4.65 5.05 13.47
N ASN A 172 4.61 3.78 13.08
CA ASN A 172 5.78 3.06 12.58
C ASN A 172 5.53 2.70 11.12
N VAL A 173 6.19 3.42 10.22
CA VAL A 173 6.16 3.13 8.79
C VAL A 173 7.55 2.61 8.41
N THR A 174 7.59 1.34 7.99
CA THR A 174 8.85 0.67 7.68
C THR A 174 8.92 0.39 6.18
N GLU A 175 9.91 0.98 5.53
CA GLU A 175 10.16 0.75 4.11
C GLU A 175 11.10 -0.44 3.96
N VAL A 176 10.66 -1.45 3.22
CA VAL A 176 11.40 -2.71 3.08
C VAL A 176 11.64 -2.97 1.59
N ASN A 177 12.89 -3.25 1.25
CA ASN A 177 13.30 -3.72 -0.07
C ASN A 177 14.19 -4.94 0.12
N PRO A 178 14.49 -5.68 -0.96
CA PRO A 178 15.27 -6.91 -0.80
C PRO A 178 16.68 -6.75 -0.20
N LEU A 179 17.01 -5.57 0.31
CA LEU A 179 18.31 -5.36 0.93
C LEU A 179 18.24 -4.97 2.40
N GLY A 180 17.05 -4.79 2.95
CA GLY A 180 16.91 -4.47 4.35
C GLY A 180 15.63 -3.71 4.60
N ALA A 181 15.59 -3.05 5.76
CA ALA A 181 14.43 -2.30 6.20
C ALA A 181 14.87 -0.93 6.72
N SER A 182 13.90 -0.02 6.80
CA SER A 182 14.15 1.31 7.34
C SER A 182 12.89 1.77 8.06
N THR A 183 13.02 2.09 9.34
CA THR A 183 11.89 2.41 10.20
C THR A 183 11.85 3.90 10.50
N ARG A 184 10.70 4.51 10.24
CA ARG A 184 10.46 5.91 10.59
C ARG A 184 9.37 5.95 11.65
N LEU A 185 9.75 6.37 12.87
CA LEU A 185 8.80 6.55 13.94
C LEU A 185 8.35 8.00 14.00
N LEU A 186 7.07 8.22 14.28
CA LEU A 186 6.49 9.56 14.30
C LEU A 186 5.56 9.66 15.49
N ASP A 187 5.96 10.41 16.51
CA ASP A 187 5.08 10.66 17.64
C ASP A 187 3.92 11.53 17.19
N VAL A 188 2.69 11.05 17.43
CA VAL A 188 1.49 11.72 16.96
C VAL A 188 0.52 11.81 18.14
N SER A 189 0.11 13.03 18.47
CA SER A 189 -0.93 13.28 19.45
C SER A 189 -2.14 13.87 18.75
N LEU A 190 -3.30 13.24 18.94
CA LEU A 190 -4.50 13.67 18.23
C LEU A 190 -4.88 15.10 18.59
N GLN A 191 -4.46 15.58 19.76
CA GLN A 191 -4.78 16.94 20.18
C GLN A 191 -4.02 17.99 19.38
N SER A 192 -2.93 17.61 18.71
CA SER A 192 -2.07 18.55 18.00
C SER A 192 -2.31 18.60 16.50
N ILE A 193 -2.70 17.49 15.88
CA ILE A 193 -2.84 17.43 14.44
C ILE A 193 -4.28 17.64 13.98
N LEU A 194 -5.18 17.99 14.89
CA LEU A 194 -6.59 18.11 14.55
C LEU A 194 -6.83 19.39 13.75
N ARG A 195 -7.46 19.25 12.59
CA ARG A 195 -7.89 20.39 11.78
C ARG A 195 -9.15 19.99 11.04
N PRO A 196 -10.32 20.44 11.50
CA PRO A 196 -11.57 20.00 10.89
C PRO A 196 -11.77 20.61 9.51
N ASP A 197 -12.81 20.13 8.84
CA ASP A 197 -13.21 20.66 7.55
C ASP A 197 -14.08 21.89 7.73
N PRO A 198 -14.16 22.76 6.72
CA PRO A 198 -14.93 23.99 6.89
C PRO A 198 -16.40 23.68 7.06
N PRO A 199 -17.14 24.56 7.75
CA PRO A 199 -18.58 24.35 7.92
C PRO A 199 -19.30 24.37 6.58
N GLN A 200 -20.48 23.76 6.57
CA GLN A 200 -21.27 23.61 5.36
C GLN A 200 -22.58 24.38 5.51
N GLY A 201 -23.27 24.52 4.38
CA GLY A 201 -24.58 25.17 4.39
C GLY A 201 -24.56 26.61 4.84
N LEU A 202 -23.51 27.35 4.46
CA LEU A 202 -23.41 28.75 4.82
C LEU A 202 -24.43 29.57 4.05
N ARG A 203 -25.31 30.27 4.78
CA ARG A 203 -26.37 31.07 4.17
C ARG A 203 -26.32 32.48 4.74
N VAL A 204 -26.33 33.47 3.86
CA VAL A 204 -26.36 34.88 4.26
C VAL A 204 -27.74 35.41 3.88
N GLU A 205 -28.55 35.72 4.88
CA GLU A 205 -29.92 36.14 4.67
C GLU A 205 -30.12 37.56 5.17
N SER A 206 -31.17 38.21 4.67
CA SER A 206 -31.57 39.53 5.12
C SER A 206 -32.49 39.42 6.33
N VAL A 207 -32.63 40.53 7.04
CA VAL A 207 -33.46 40.59 8.24
C VAL A 207 -34.56 41.63 8.00
N PRO A 208 -35.83 41.25 8.09
CA PRO A 208 -36.92 42.22 7.83
C PRO A 208 -36.97 43.29 8.92
N GLY A 209 -36.98 44.55 8.49
CA GLY A 209 -37.04 45.67 9.40
C GLY A 209 -35.70 46.25 9.80
N TYR A 210 -34.61 45.61 9.43
CA TYR A 210 -33.26 46.08 9.76
C TYR A 210 -32.44 46.18 8.49
N PRO A 211 -32.27 47.37 7.93
CA PRO A 211 -31.54 47.51 6.66
C PRO A 211 -30.03 47.36 6.79
N ARG A 212 -29.50 47.16 7.99
CA ARG A 212 -28.07 47.01 8.21
C ARG A 212 -27.72 45.67 8.83
N ARG A 213 -28.59 44.67 8.73
CA ARG A 213 -28.40 43.39 9.38
C ARG A 213 -28.43 42.26 8.36
N LEU A 214 -27.51 41.32 8.53
CA LEU A 214 -27.44 40.10 7.72
C LEU A 214 -27.29 38.92 8.66
N ARG A 215 -28.21 37.95 8.56
CA ARG A 215 -28.18 36.76 9.40
C ARG A 215 -27.38 35.67 8.69
N ALA A 216 -26.25 35.28 9.30
CA ALA A 216 -25.40 34.24 8.76
C ALA A 216 -25.58 32.98 9.59
N SER A 217 -25.99 31.89 8.94
CA SER A 217 -26.20 30.61 9.59
C SER A 217 -25.48 29.52 8.82
N TRP A 218 -25.04 28.50 9.54
CA TRP A 218 -24.31 27.39 8.95
C TRP A 218 -24.51 26.16 9.83
N THR A 219 -23.82 25.08 9.48
CA THR A 219 -23.90 23.82 10.21
C THR A 219 -22.51 23.23 10.36
N TYR A 220 -22.40 22.24 11.26
CA TYR A 220 -21.15 21.51 11.39
C TYR A 220 -20.85 20.79 10.08
N PRO A 221 -19.58 20.60 9.75
CA PRO A 221 -19.24 19.81 8.56
C PRO A 221 -19.62 18.36 8.75
N ALA A 222 -19.77 17.65 7.63
CA ALA A 222 -20.10 16.24 7.67
C ALA A 222 -19.00 15.40 8.32
N SER A 223 -17.76 15.90 8.30
CA SER A 223 -16.65 15.17 8.90
C SER A 223 -16.73 15.15 10.42
N TRP A 224 -17.48 16.06 11.04
CA TRP A 224 -17.64 16.02 12.49
C TRP A 224 -18.77 15.06 12.85
N PRO A 225 -18.51 14.05 13.67
CA PRO A 225 -19.53 13.01 13.91
C PRO A 225 -20.74 13.56 14.65
N SER A 226 -21.82 12.79 14.59
CA SER A 226 -23.06 13.16 15.26
C SER A 226 -22.98 12.82 16.74
N GLN A 227 -23.79 13.53 17.52
CA GLN A 227 -23.79 13.43 18.97
C GLN A 227 -22.37 13.59 19.53
N PRO A 228 -21.74 14.74 19.30
CA PRO A 228 -20.31 14.87 19.61
C PRO A 228 -20.09 15.20 21.08
N HIS A 229 -18.91 14.80 21.56
CA HIS A 229 -18.43 15.24 22.86
C HIS A 229 -17.50 16.44 22.75
N PHE A 230 -16.99 16.71 21.55
CA PHE A 230 -16.17 17.89 21.28
C PHE A 230 -16.88 18.77 20.27
N LEU A 231 -17.29 19.96 20.69
CA LEU A 231 -17.99 20.91 19.86
C LEU A 231 -16.98 21.72 19.04
N LEU A 232 -17.48 22.65 18.23
CA LEU A 232 -16.62 23.53 17.45
C LEU A 232 -16.99 24.98 17.71
N LYS A 233 -15.97 25.82 17.87
CA LYS A 233 -16.13 27.27 17.90
C LYS A 233 -15.77 27.83 16.53
N PHE A 234 -16.52 28.84 16.10
CA PHE A 234 -16.40 29.37 14.75
C PHE A 234 -15.85 30.79 14.77
N ARG A 235 -15.35 31.22 13.61
CA ARG A 235 -14.84 32.56 13.41
C ARG A 235 -15.29 33.04 12.03
N LEU A 236 -16.08 34.10 12.00
CA LEU A 236 -16.71 34.57 10.78
C LEU A 236 -16.04 35.85 10.29
N GLN A 237 -15.92 35.99 8.98
CA GLN A 237 -15.42 37.21 8.35
C GLN A 237 -16.39 37.64 7.27
N TYR A 238 -16.76 38.91 7.28
CA TYR A 238 -17.64 39.48 6.27
C TYR A 238 -17.00 40.75 5.70
N ARG A 239 -17.49 41.13 4.52
CA ARG A 239 -16.88 42.23 3.76
C ARG A 239 -17.83 42.70 2.68
N PRO A 240 -18.10 44.00 2.60
CA PRO A 240 -19.00 44.52 1.55
C PRO A 240 -18.44 44.29 0.15
N ALA A 241 -19.30 44.58 -0.84
CA ALA A 241 -18.96 44.36 -2.24
C ALA A 241 -17.75 45.19 -2.64
N GLN A 242 -16.70 44.51 -3.11
CA GLN A 242 -15.49 45.15 -3.62
C GLN A 242 -14.81 46.04 -2.58
N HIS A 243 -14.96 45.69 -1.30
CA HIS A 243 -14.15 46.32 -0.27
C HIS A 243 -12.84 45.56 -0.12
N PRO A 244 -11.78 46.22 0.37
CA PRO A 244 -10.49 45.54 0.47
C PRO A 244 -10.26 44.86 1.81
N ALA A 245 -10.86 45.39 2.88
CA ALA A 245 -10.61 44.93 4.23
C ALA A 245 -11.70 43.99 4.71
N TRP A 246 -11.29 42.89 5.34
CA TRP A 246 -12.24 41.96 5.95
C TRP A 246 -12.54 42.39 7.38
N SER A 247 -13.78 42.12 7.81
CA SER A 247 -14.22 42.38 9.18
C SER A 247 -14.40 41.06 9.88
N THR A 248 -13.67 40.87 10.98
CA THR A 248 -13.62 39.58 11.67
C THR A 248 -14.46 39.64 12.94
N VAL A 249 -15.42 38.73 13.05
CA VAL A 249 -16.23 38.56 14.26
C VAL A 249 -16.15 37.10 14.69
N GLU A 250 -16.12 36.87 16.00
CA GLU A 250 -16.04 35.53 16.56
C GLU A 250 -17.40 35.15 17.14
N PRO A 251 -18.25 34.46 16.38
CA PRO A 251 -19.61 34.20 16.85
C PRO A 251 -19.65 33.14 17.93
N ALA A 252 -20.82 33.00 18.54
CA ALA A 252 -21.11 31.97 19.53
C ALA A 252 -22.26 31.11 19.02
N GLY A 253 -21.94 29.89 18.59
CA GLY A 253 -22.95 29.00 18.07
C GLY A 253 -23.01 28.95 16.56
N LEU A 254 -24.18 28.64 16.01
CA LEU A 254 -24.37 28.49 14.57
C LEU A 254 -25.01 29.70 13.92
N GLU A 255 -24.94 30.87 14.58
CA GLU A 255 -25.58 32.07 14.07
C GLU A 255 -24.74 33.28 14.44
N GLU A 256 -24.87 34.32 13.62
CA GLU A 256 -24.19 35.59 13.87
C GLU A 256 -24.94 36.67 13.11
N VAL A 257 -25.54 37.61 13.84
CA VAL A 257 -26.32 38.70 13.25
C VAL A 257 -25.41 39.91 13.11
N ILE A 258 -25.00 40.20 11.87
CA ILE A 258 -24.19 41.38 11.62
C ILE A 258 -25.04 42.63 11.81
N THR A 259 -24.43 43.67 12.38
CA THR A 259 -25.09 44.96 12.55
C THR A 259 -24.30 46.09 11.91
N ASP A 260 -23.31 45.77 11.07
CA ASP A 260 -22.42 46.76 10.48
C ASP A 260 -22.49 46.79 8.96
N ALA A 261 -23.47 46.09 8.37
CA ALA A 261 -23.53 46.00 6.92
C ALA A 261 -24.01 47.32 6.31
N VAL A 262 -23.59 47.57 5.07
CA VAL A 262 -24.00 48.74 4.32
C VAL A 262 -25.33 48.44 3.65
N ALA A 263 -26.29 49.35 3.78
CA ALA A 263 -27.62 49.12 3.21
C ALA A 263 -27.54 49.11 1.69
N GLY A 264 -28.16 48.09 1.08
CA GLY A 264 -28.19 48.00 -0.37
C GLY A 264 -26.92 47.51 -1.02
N LEU A 265 -26.02 46.88 -0.28
CA LEU A 265 -24.77 46.40 -0.82
C LEU A 265 -24.64 44.89 -0.59
N PRO A 266 -24.31 44.12 -1.61
CA PRO A 266 -24.03 42.69 -1.40
C PRO A 266 -22.76 42.51 -0.57
N HIS A 267 -22.82 41.58 0.38
CA HIS A 267 -21.70 41.31 1.27
C HIS A 267 -21.25 39.86 1.11
N ALA A 268 -19.94 39.65 1.16
CA ALA A 268 -19.36 38.32 1.08
C ALA A 268 -19.00 37.85 2.48
N VAL A 269 -19.47 36.66 2.84
CA VAL A 269 -19.29 36.10 4.17
C VAL A 269 -18.64 34.73 4.04
N ARG A 270 -17.70 34.44 4.94
CA ARG A 270 -17.04 33.14 4.98
C ARG A 270 -16.66 32.83 6.42
N VAL A 271 -16.70 31.54 6.77
CA VAL A 271 -16.48 31.09 8.14
C VAL A 271 -15.42 30.00 8.17
N SER A 272 -14.90 29.76 9.36
CA SER A 272 -13.96 28.68 9.62
C SER A 272 -14.23 28.13 11.02
N ALA A 273 -13.87 26.87 11.21
CA ALA A 273 -14.17 26.16 12.45
C ALA A 273 -12.87 25.77 13.16
N ARG A 274 -13.02 25.40 14.44
CA ARG A 274 -11.92 24.94 15.26
C ARG A 274 -12.50 24.26 16.50
N ASP A 275 -11.75 23.32 17.05
CA ASP A 275 -12.16 22.68 18.29
C ASP A 275 -12.34 23.73 19.38
N PHE A 276 -13.42 23.58 20.17
CA PHE A 276 -13.79 24.60 21.13
C PHE A 276 -12.77 24.77 22.23
N LEU A 277 -11.89 23.78 22.41
CA LEU A 277 -10.84 23.85 23.42
C LEU A 277 -9.53 24.42 22.87
N ASP A 278 -9.60 25.18 21.79
CA ASP A 278 -8.43 25.77 21.13
C ASP A 278 -7.41 24.71 20.71
N ALA A 279 -7.83 23.45 20.63
CA ALA A 279 -6.93 22.37 20.27
C ALA A 279 -6.78 22.28 18.76
N GLY A 280 -5.56 22.03 18.31
CA GLY A 280 -5.30 21.92 16.89
C GLY A 280 -5.17 23.28 16.23
N THR A 281 -5.58 23.34 14.97
CA THR A 281 -5.50 24.56 14.17
C THR A 281 -6.89 24.94 13.67
N TRP A 282 -6.96 26.06 12.96
CA TRP A 282 -8.21 26.55 12.40
C TRP A 282 -8.50 25.87 11.07
N SER A 283 -9.77 25.57 10.83
CA SER A 283 -10.17 24.99 9.56
C SER A 283 -9.98 26.01 8.44
N THR A 284 -9.86 25.50 7.22
CA THR A 284 -9.79 26.37 6.06
C THR A 284 -11.09 27.17 5.90
N TRP A 285 -10.97 28.32 5.25
CA TRP A 285 -12.13 29.18 5.08
C TRP A 285 -13.19 28.51 4.23
N SER A 286 -14.44 28.60 4.67
CA SER A 286 -15.55 28.06 3.91
C SER A 286 -15.73 28.86 2.61
N PRO A 287 -16.35 28.24 1.60
CA PRO A 287 -16.63 28.99 0.38
C PRO A 287 -17.47 30.23 0.66
N GLU A 288 -17.16 31.31 -0.03
CA GLU A 288 -17.82 32.59 0.22
C GLU A 288 -19.29 32.52 -0.15
N ALA A 289 -20.13 33.04 0.73
CA ALA A 289 -21.56 33.16 0.49
C ALA A 289 -21.94 34.64 0.49
N TRP A 290 -22.85 35.00 -0.40
CA TRP A 290 -23.21 36.40 -0.63
C TRP A 290 -24.61 36.68 -0.09
N GLY A 291 -24.80 37.89 0.41
CA GLY A 291 -26.10 38.30 0.93
C GLY A 291 -26.26 39.80 0.86
N THR A 292 -27.52 40.23 0.78
CA THR A 292 -27.88 41.64 0.66
C THR A 292 -28.90 41.96 1.74
N PRO A 293 -28.74 43.07 2.47
CA PRO A 293 -29.72 43.41 3.51
C PRO A 293 -31.10 43.67 2.93
N SER A 294 -32.09 43.65 3.81
CA SER A 294 -33.48 43.77 3.38
C SER A 294 -33.81 45.17 2.88
N THR A 295 -34.81 45.23 2.00
CA THR A 295 -35.38 46.47 1.49
C THR A 295 -36.80 46.57 2.05
N GLY A 296 -37.02 47.51 2.95
CA GLY A 296 -38.31 47.62 3.61
C GLY A 296 -39.04 48.91 3.31
N THR A 297 -38.38 49.83 2.62
CA THR A 297 -39.04 51.05 2.16
C THR A 297 -39.97 50.72 1.00
N ILE A 298 -41.25 51.02 1.16
CA ILE A 298 -42.26 50.68 0.16
C ILE A 298 -42.17 51.67 -0.99
N PRO A 299 -42.43 51.25 -2.23
CA PRO A 299 -42.36 52.19 -3.35
C PRO A 299 -43.67 52.93 -3.60
N LYS A 300 -43.66 53.83 -4.59
CA LYS A 300 -44.84 54.61 -4.98
C LYS A 300 -45.41 55.39 -3.81
N GLU A 301 -44.89 56.58 -3.59
CA GLU A 301 -45.41 57.46 -2.57
C GLU A 301 -46.42 58.44 -3.17
N ILE A 302 -47.24 59.01 -2.31
CA ILE A 302 -48.29 59.95 -2.71
C ILE A 302 -48.35 61.07 -1.69
N PRO A 303 -48.99 62.19 -2.05
CA PRO A 303 -49.07 63.30 -1.10
C PRO A 303 -50.04 63.01 0.04
N ALA A 304 -49.80 63.67 1.16
CA ALA A 304 -50.63 63.55 2.34
C ALA A 304 -50.37 64.70 3.32
N SER B 2 -1.67 22.37 -13.01
CA SER B 2 -0.80 22.44 -11.84
C SER B 2 0.48 23.20 -12.16
N PRO B 3 1.00 23.96 -11.19
CA PRO B 3 2.23 24.71 -11.43
C PRO B 3 3.44 23.81 -11.64
N CYS B 4 3.50 22.65 -10.98
CA CYS B 4 4.60 21.72 -11.11
C CYS B 4 4.18 20.35 -10.57
N PRO B 5 3.43 19.58 -11.35
CA PRO B 5 2.94 18.28 -10.85
C PRO B 5 4.06 17.27 -10.61
N GLN B 6 4.36 17.00 -9.35
CA GLN B 6 5.30 15.95 -8.98
C GLN B 6 4.53 14.71 -8.58
N ALA B 7 5.07 13.54 -8.95
CA ALA B 7 4.40 12.28 -8.67
C ALA B 7 4.81 11.77 -7.29
N TRP B 8 4.25 10.62 -6.92
CA TRP B 8 4.53 10.03 -5.61
C TRP B 8 5.97 9.51 -5.58
N GLY B 9 6.73 9.98 -4.60
CA GLY B 9 8.11 9.59 -4.44
C GLY B 9 8.85 10.52 -3.50
N PRO B 10 10.17 10.59 -3.63
CA PRO B 10 10.95 11.52 -2.81
C PRO B 10 10.57 12.95 -3.11
N PRO B 11 10.41 13.79 -2.07
CA PRO B 11 10.02 15.19 -2.30
C PRO B 11 11.13 15.95 -3.02
N GLY B 12 10.78 16.53 -4.17
CA GLY B 12 11.71 17.34 -4.92
C GLY B 12 12.42 16.66 -6.06
N VAL B 13 11.95 15.49 -6.51
CA VAL B 13 12.59 14.74 -7.59
C VAL B 13 11.62 14.63 -8.75
N GLN B 14 12.16 14.69 -9.97
CA GLN B 14 11.41 14.47 -11.19
C GLN B 14 12.08 13.36 -11.99
N TYR B 15 11.28 12.70 -12.83
CA TYR B 15 11.68 11.45 -13.45
C TYR B 15 11.69 11.56 -14.96
N GLY B 16 12.40 10.63 -15.60
CA GLY B 16 12.48 10.57 -17.04
C GLY B 16 12.95 9.19 -17.48
N GLN B 17 13.11 9.04 -18.78
CA GLN B 17 13.51 7.77 -19.38
C GLN B 17 14.81 7.95 -20.14
N PRO B 18 15.79 7.05 -19.97
CA PRO B 18 17.04 7.18 -20.71
C PRO B 18 16.83 7.04 -22.21
N GLY B 19 17.63 7.79 -22.98
CA GLY B 19 17.53 7.81 -24.42
C GLY B 19 16.41 8.67 -24.98
N ARG B 20 15.44 9.07 -24.15
CA ARG B 20 14.34 9.91 -24.60
C ARG B 20 14.61 11.35 -24.20
N SER B 21 13.64 12.23 -24.43
CA SER B 21 13.73 13.62 -24.04
C SER B 21 12.91 13.86 -22.78
N VAL B 22 13.54 14.44 -21.77
CA VAL B 22 12.89 14.69 -20.49
C VAL B 22 12.54 16.16 -20.40
N LYS B 23 11.55 16.47 -19.57
CA LYS B 23 11.05 17.83 -19.39
C LYS B 23 10.98 18.12 -17.90
N LEU B 24 11.85 19.01 -17.43
CA LEU B 24 11.86 19.45 -16.04
C LEU B 24 10.95 20.64 -15.84
N CYS B 25 10.56 20.87 -14.59
CA CYS B 25 9.68 21.97 -14.23
C CYS B 25 10.17 22.59 -12.93
N CYS B 26 10.04 23.93 -12.84
CA CYS B 26 10.44 24.64 -11.63
C CYS B 26 9.29 24.66 -10.64
N PRO B 27 9.53 24.27 -9.37
CA PRO B 27 8.41 24.16 -8.42
C PRO B 27 7.81 25.50 -8.04
N GLY B 28 8.60 26.40 -7.49
CA GLY B 28 8.10 27.68 -7.02
C GLY B 28 7.92 28.71 -8.11
N VAL B 29 7.18 28.36 -9.16
CA VAL B 29 6.94 29.23 -10.30
C VAL B 29 5.45 29.27 -10.59
N THR B 30 5.05 30.26 -11.39
CA THR B 30 3.64 30.46 -11.72
C THR B 30 3.36 30.11 -13.19
N ALA B 31 4.06 29.09 -13.71
CA ALA B 31 3.85 28.57 -15.05
C ALA B 31 3.93 29.67 -16.11
N GLY B 32 5.15 30.09 -16.46
CA GLY B 32 5.32 31.12 -17.47
C GLY B 32 6.44 32.08 -17.13
N ASP B 33 6.66 32.32 -15.84
CA ASP B 33 7.73 33.19 -15.40
C ASP B 33 9.08 32.63 -15.86
N PRO B 34 9.83 33.35 -16.69
CA PRO B 34 11.11 32.81 -17.17
C PRO B 34 12.09 32.63 -16.03
N VAL B 35 12.82 31.52 -16.07
CA VAL B 35 13.77 31.15 -15.02
C VAL B 35 15.10 30.79 -15.66
N SER B 36 16.11 30.62 -14.80
CA SER B 36 17.44 30.22 -15.21
C SER B 36 17.75 28.85 -14.62
N TRP B 37 18.41 28.00 -15.41
CA TRP B 37 18.68 26.62 -15.04
C TRP B 37 20.17 26.41 -14.89
N PHE B 38 20.59 25.92 -13.72
CA PHE B 38 21.99 25.61 -13.44
C PHE B 38 22.09 24.18 -12.92
N ARG B 39 23.07 23.44 -13.43
CA ARG B 39 23.45 22.18 -12.83
C ARG B 39 24.27 22.47 -11.58
N ASP B 40 23.83 21.92 -10.44
CA ASP B 40 24.44 22.25 -9.16
C ASP B 40 25.93 21.97 -9.15
N GLY B 41 26.71 22.98 -8.76
CA GLY B 41 28.15 22.91 -8.80
C GLY B 41 28.78 23.48 -10.06
N GLU B 42 28.03 23.54 -11.15
CA GLU B 42 28.52 24.08 -12.42
C GLU B 42 27.76 25.34 -12.79
N PRO B 43 28.36 26.53 -12.68
CA PRO B 43 27.62 27.77 -12.94
C PRO B 43 27.30 28.00 -14.41
N LYS B 44 27.63 27.05 -15.29
CA LYS B 44 27.33 27.16 -16.71
C LYS B 44 25.82 27.15 -16.91
N LEU B 45 25.28 28.27 -17.40
CA LEU B 45 23.85 28.42 -17.56
C LEU B 45 23.30 27.45 -18.60
N LEU B 46 22.31 26.65 -18.19
CA LEU B 46 21.64 25.72 -19.10
C LEU B 46 20.68 26.47 -20.01
N GLN B 47 19.65 27.09 -19.42
CA GLN B 47 18.68 27.91 -20.13
C GLN B 47 18.60 29.27 -19.46
N GLY B 48 18.65 30.33 -20.26
CA GLY B 48 18.44 31.66 -19.74
C GLY B 48 16.97 31.96 -19.55
N PRO B 49 16.69 33.17 -19.07
CA PRO B 49 15.29 33.59 -18.92
C PRO B 49 14.57 33.59 -20.26
N ASP B 50 15.11 34.33 -21.23
CA ASP B 50 14.53 34.40 -22.57
C ASP B 50 14.94 33.17 -23.39
N SER B 51 14.54 32.00 -22.88
CA SER B 51 14.79 30.75 -23.57
C SER B 51 13.71 30.43 -24.59
N GLY B 52 12.45 30.79 -24.31
CA GLY B 52 11.34 30.58 -25.20
C GLY B 52 10.22 29.75 -24.60
N LEU B 53 10.56 28.79 -23.75
CA LEU B 53 9.57 27.94 -23.09
C LEU B 53 9.45 28.23 -21.60
N GLY B 54 10.14 29.24 -21.09
CA GLY B 54 9.88 29.74 -19.75
C GLY B 54 10.44 28.92 -18.62
N HIS B 55 9.56 28.45 -17.75
CA HIS B 55 9.92 27.85 -16.46
C HIS B 55 10.39 26.41 -16.56
N GLU B 56 10.49 25.85 -17.76
CA GLU B 56 10.83 24.45 -17.94
C GLU B 56 12.22 24.32 -18.56
N LEU B 57 12.62 23.07 -18.77
CA LEU B 57 13.92 22.75 -19.35
C LEU B 57 13.82 21.39 -20.03
N VAL B 58 14.19 21.33 -21.30
CA VAL B 58 14.18 20.09 -22.05
C VAL B 58 15.61 19.57 -22.17
N LEU B 59 15.75 18.25 -22.19
CA LEU B 59 17.02 17.58 -22.40
C LEU B 59 16.87 16.62 -23.57
N ALA B 60 17.83 16.67 -24.50
CA ALA B 60 17.71 15.91 -25.75
C ALA B 60 17.61 14.41 -25.50
N GLN B 61 18.70 13.80 -25.04
CA GLN B 61 18.75 12.37 -24.78
C GLN B 61 19.23 12.14 -23.36
N ALA B 62 18.33 11.65 -22.50
CA ALA B 62 18.66 11.45 -21.10
C ALA B 62 19.61 10.27 -20.93
N ASP B 63 20.68 10.49 -20.17
CA ASP B 63 21.66 9.46 -19.86
C ASP B 63 22.13 9.65 -18.43
N SER B 64 23.01 8.75 -17.97
CA SER B 64 23.47 8.78 -16.59
C SER B 64 24.22 10.06 -16.25
N THR B 65 24.81 10.73 -17.24
CA THR B 65 25.49 11.99 -16.96
C THR B 65 24.49 13.12 -16.71
N ASP B 66 23.28 13.01 -17.25
CA ASP B 66 22.25 14.02 -17.03
C ASP B 66 21.49 13.83 -15.73
N GLU B 67 21.51 12.63 -15.15
CA GLU B 67 20.86 12.38 -13.88
C GLU B 67 21.60 13.12 -12.76
N GLY B 68 20.89 13.95 -12.02
CA GLY B 68 21.51 14.70 -10.94
C GLY B 68 20.66 15.80 -10.34
N THR B 69 21.30 16.92 -10.01
CA THR B 69 20.66 18.02 -9.29
C THR B 69 20.62 19.25 -10.17
N TYR B 70 19.44 19.87 -10.27
CA TYR B 70 19.22 21.08 -11.06
C TYR B 70 18.62 22.16 -10.18
N ILE B 71 19.02 23.41 -10.42
CA ILE B 71 18.54 24.56 -9.66
C ILE B 71 17.88 25.53 -10.63
N CYS B 72 16.65 25.93 -10.32
CA CYS B 72 15.92 26.89 -11.12
C CYS B 72 15.60 28.10 -10.26
N GLN B 73 15.89 29.29 -10.79
CA GLN B 73 15.65 30.55 -10.09
C GLN B 73 15.10 31.57 -11.06
N THR B 74 14.19 32.41 -10.58
CA THR B 74 13.60 33.45 -11.42
C THR B 74 14.59 34.60 -11.60
N LEU B 75 14.15 35.64 -12.30
CA LEU B 75 15.02 36.80 -12.50
C LEU B 75 15.17 37.58 -11.20
N ASP B 76 14.05 37.91 -10.56
CA ASP B 76 14.02 38.57 -9.27
C ASP B 76 12.94 37.90 -8.42
N GLY B 77 13.27 37.65 -7.16
CA GLY B 77 12.37 36.90 -6.30
C GLY B 77 13.05 35.65 -5.77
N ALA B 78 14.38 35.61 -5.88
CA ALA B 78 15.22 34.55 -5.33
C ALA B 78 14.95 33.20 -5.99
N LEU B 79 15.54 32.15 -5.44
CA LEU B 79 15.51 30.83 -6.06
C LEU B 79 14.12 30.21 -5.95
N GLY B 80 13.62 29.70 -7.08
CA GLY B 80 12.33 29.03 -7.07
C GLY B 80 12.36 27.70 -6.34
N GLY B 81 13.48 26.99 -6.43
CA GLY B 81 13.62 25.72 -5.75
C GLY B 81 14.64 24.86 -6.47
N THR B 82 14.83 23.67 -5.92
CA THR B 82 15.79 22.69 -6.45
C THR B 82 15.04 21.47 -6.98
N VAL B 83 15.50 20.96 -8.12
CA VAL B 83 14.87 19.83 -8.80
C VAL B 83 15.94 18.76 -9.03
N THR B 84 15.62 17.53 -8.64
CA THR B 84 16.52 16.38 -8.82
C THR B 84 15.96 15.48 -9.92
N LEU B 85 16.80 15.13 -10.87
CA LEU B 85 16.41 14.28 -11.99
C LEU B 85 16.78 12.84 -11.68
N GLN B 86 15.79 11.94 -11.75
CA GLN B 86 15.99 10.52 -11.56
C GLN B 86 15.59 9.78 -12.83
N LEU B 87 16.39 8.79 -13.21
CA LEU B 87 16.16 8.03 -14.44
C LEU B 87 15.58 6.66 -14.15
N GLY B 88 14.73 6.20 -15.06
CA GLY B 88 14.10 4.91 -14.91
C GLY B 88 13.29 4.55 -16.13
N TYR B 89 12.55 3.45 -16.00
CA TYR B 89 11.80 2.92 -17.12
C TYR B 89 10.30 2.87 -16.81
N PRO B 90 9.45 2.96 -17.83
CA PRO B 90 8.01 2.76 -17.64
C PRO B 90 7.72 1.34 -17.18
N PRO B 91 6.57 1.10 -16.58
CA PRO B 91 6.29 -0.23 -16.02
C PRO B 91 5.94 -1.25 -17.10
N ALA B 92 6.31 -2.49 -16.84
CA ALA B 92 5.98 -3.63 -17.67
C ALA B 92 4.78 -4.37 -17.09
N ARG B 93 4.15 -5.21 -17.92
CA ARG B 93 2.97 -5.96 -17.51
C ARG B 93 3.31 -6.82 -16.30
N PRO B 94 2.74 -6.52 -15.13
CA PRO B 94 3.10 -7.25 -13.92
C PRO B 94 2.72 -8.71 -13.99
N VAL B 95 3.38 -9.52 -13.17
CA VAL B 95 3.10 -10.95 -13.09
C VAL B 95 1.98 -11.17 -12.10
N VAL B 96 0.87 -11.73 -12.57
CA VAL B 96 -0.31 -11.95 -11.75
C VAL B 96 -0.57 -13.45 -11.65
N SER B 97 -0.90 -13.90 -10.44
CA SER B 97 -1.23 -15.29 -10.19
C SER B 97 -2.26 -15.35 -9.07
N CYS B 98 -3.38 -16.00 -9.34
CA CYS B 98 -4.50 -16.07 -8.39
C CYS B 98 -4.59 -17.46 -7.79
N GLN B 99 -5.37 -17.55 -6.71
CA GLN B 99 -5.54 -18.79 -5.97
C GLN B 99 -6.83 -18.70 -5.16
N ALA B 100 -7.29 -19.85 -4.70
CA ALA B 100 -8.56 -19.92 -3.98
C ALA B 100 -8.51 -21.06 -2.97
N ALA B 101 -9.06 -20.80 -1.78
CA ALA B 101 -9.19 -21.83 -0.75
C ALA B 101 -10.61 -22.33 -0.57
N ASP B 102 -11.62 -21.55 -0.96
CA ASP B 102 -13.01 -21.96 -0.90
C ASP B 102 -13.68 -21.64 -2.23
N TYR B 103 -14.90 -22.14 -2.40
CA TYR B 103 -15.64 -21.95 -3.64
C TYR B 103 -16.41 -20.64 -3.68
N GLU B 104 -16.24 -19.78 -2.68
CA GLU B 104 -16.95 -18.50 -2.61
C GLU B 104 -16.03 -17.30 -2.69
N ASN B 105 -14.87 -17.35 -2.03
CA ASN B 105 -13.92 -16.25 -2.03
C ASN B 105 -12.57 -16.73 -2.56
N PHE B 106 -11.93 -15.88 -3.38
CA PHE B 106 -10.58 -16.14 -3.85
C PHE B 106 -9.74 -14.87 -3.72
N SER B 107 -8.42 -15.06 -3.80
CA SER B 107 -7.48 -13.97 -3.62
C SER B 107 -6.35 -14.08 -4.64
N CYS B 108 -5.90 -12.94 -5.15
CA CYS B 108 -4.86 -12.88 -6.16
C CYS B 108 -3.61 -12.21 -5.62
N THR B 109 -2.47 -12.59 -6.18
CA THR B 109 -1.19 -11.98 -5.84
C THR B 109 -0.51 -11.49 -7.11
N TRP B 110 0.40 -10.53 -6.94
CA TRP B 110 1.08 -9.94 -8.09
C TRP B 110 2.51 -9.58 -7.72
N SER B 111 3.35 -9.44 -8.74
CA SER B 111 4.75 -9.06 -8.60
C SER B 111 5.18 -8.40 -9.90
N PRO B 112 6.06 -7.40 -9.84
CA PRO B 112 6.49 -6.73 -11.07
C PRO B 112 7.32 -7.67 -11.92
N SER B 113 6.98 -7.74 -13.21
CA SER B 113 7.70 -8.61 -14.13
C SER B 113 9.08 -8.10 -14.50
N GLN B 114 9.39 -6.84 -14.22
CA GLN B 114 10.66 -6.25 -14.60
C GLN B 114 10.90 -5.01 -13.77
N ILE B 115 12.17 -4.76 -13.46
CA ILE B 115 12.54 -3.62 -12.62
C ILE B 115 12.32 -2.33 -13.39
N SER B 116 11.66 -1.36 -12.74
CA SER B 116 11.54 -0.02 -13.28
C SER B 116 12.42 1.00 -12.59
N GLY B 117 12.81 0.75 -11.34
CA GLY B 117 13.69 1.62 -10.59
C GLY B 117 13.03 2.83 -9.97
N LEU B 118 11.72 3.00 -10.15
CA LEU B 118 10.99 4.15 -9.64
C LEU B 118 9.96 3.73 -8.60
N PRO B 119 9.59 4.62 -7.68
CA PRO B 119 8.52 4.30 -6.73
C PRO B 119 7.25 3.93 -7.48
N THR B 120 6.61 2.86 -7.03
CA THR B 120 5.56 2.22 -7.81
C THR B 120 4.38 1.86 -6.92
N ARG B 121 3.18 2.07 -7.44
CA ARG B 121 1.93 1.65 -6.80
C ARG B 121 1.16 0.75 -7.76
N TYR B 122 0.06 0.18 -7.27
CA TYR B 122 -0.70 -0.80 -8.04
C TYR B 122 -2.19 -0.54 -7.88
N LEU B 123 -2.91 -0.50 -9.00
CA LEU B 123 -4.36 -0.43 -9.00
C LEU B 123 -4.92 -1.81 -9.29
N THR B 124 -5.87 -2.26 -8.48
CA THR B 124 -6.44 -3.59 -8.61
C THR B 124 -7.94 -3.49 -8.84
N SER B 125 -8.43 -4.16 -9.87
CA SER B 125 -9.84 -4.20 -10.20
C SER B 125 -10.14 -5.50 -10.92
N TYR B 126 -11.43 -5.80 -11.07
CA TYR B 126 -11.82 -7.04 -11.72
C TYR B 126 -13.24 -6.91 -12.24
N ARG B 127 -13.58 -7.79 -13.18
CA ARG B 127 -14.93 -7.86 -13.74
C ARG B 127 -15.21 -9.29 -14.18
N LYS B 128 -16.47 -9.68 -14.08
CA LYS B 128 -16.90 -11.02 -14.50
C LYS B 128 -17.21 -11.00 -15.99
N LYS B 129 -16.75 -12.04 -16.69
CA LYS B 129 -17.00 -12.16 -18.12
C LYS B 129 -18.31 -12.89 -18.43
N THR B 130 -19.01 -13.39 -17.42
CA THR B 130 -20.36 -13.93 -17.60
C THR B 130 -21.08 -13.88 -16.26
N VAL B 131 -22.15 -14.65 -16.13
CA VAL B 131 -22.93 -14.70 -14.90
C VAL B 131 -23.35 -16.14 -14.63
N SER B 142 -21.03 -9.09 -19.25
CA SER B 142 -20.01 -8.60 -18.33
C SER B 142 -20.53 -7.42 -17.52
N THR B 143 -20.37 -7.50 -16.20
CA THR B 143 -20.76 -6.42 -15.31
C THR B 143 -19.64 -5.39 -15.17
N GLY B 144 -19.99 -4.24 -14.58
CA GLY B 144 -19.07 -3.15 -14.39
C GLY B 144 -17.85 -3.52 -13.56
N PRO B 145 -16.76 -2.78 -13.76
CA PRO B 145 -15.52 -3.07 -13.03
C PRO B 145 -15.67 -2.80 -11.54
N TRP B 146 -15.23 -3.75 -10.73
CA TRP B 146 -15.27 -3.65 -9.27
C TRP B 146 -13.86 -3.65 -8.70
N PRO B 147 -13.63 -2.93 -7.61
CA PRO B 147 -12.28 -2.86 -7.04
C PRO B 147 -11.90 -4.13 -6.29
N CYS B 148 -10.64 -4.53 -6.43
CA CYS B 148 -10.08 -5.63 -5.66
C CYS B 148 -9.36 -5.06 -4.43
N PRO B 149 -9.97 -5.07 -3.25
CA PRO B 149 -9.36 -4.43 -2.08
C PRO B 149 -8.02 -5.07 -1.72
N GLN B 150 -6.96 -4.26 -1.81
CA GLN B 150 -5.61 -4.73 -1.52
C GLN B 150 -5.46 -5.02 -0.02
N ASP B 151 -4.42 -5.78 0.30
CA ASP B 151 -4.21 -6.19 1.68
C ASP B 151 -3.88 -4.98 2.56
N PRO B 152 -4.46 -4.91 3.77
CA PRO B 152 -4.14 -3.81 4.70
C PRO B 152 -2.80 -3.95 5.40
N LEU B 153 -1.94 -4.87 5.00
CA LEU B 153 -0.66 -5.08 5.65
C LEU B 153 0.51 -4.82 4.71
N GLY B 154 0.30 -4.02 3.66
CA GLY B 154 1.34 -3.72 2.72
C GLY B 154 1.76 -4.90 1.87
N ALA B 155 0.91 -5.91 1.79
CA ALA B 155 1.18 -7.12 1.01
C ALA B 155 0.70 -6.93 -0.42
N ALA B 156 1.39 -7.58 -1.35
CA ALA B 156 1.01 -7.56 -2.76
C ALA B 156 -0.04 -8.65 -2.96
N ARG B 157 -1.25 -8.35 -2.53
CA ARG B 157 -2.33 -9.34 -2.50
C ARG B 157 -3.65 -8.62 -2.35
N CYS B 158 -4.56 -8.84 -3.30
CA CYS B 158 -5.92 -8.32 -3.24
C CYS B 158 -6.89 -9.49 -3.12
N VAL B 159 -7.98 -9.26 -2.39
CA VAL B 159 -8.94 -10.32 -2.07
C VAL B 159 -10.27 -10.01 -2.73
N VAL B 160 -10.97 -11.06 -3.12
CA VAL B 160 -12.32 -10.97 -3.66
C VAL B 160 -13.24 -11.83 -2.79
N HIS B 161 -14.22 -11.19 -2.18
CA HIS B 161 -15.14 -11.87 -1.28
C HIS B 161 -16.51 -12.01 -1.91
N GLY B 162 -17.20 -13.08 -1.55
CA GLY B 162 -18.54 -13.36 -2.06
C GLY B 162 -18.60 -13.50 -3.56
N ALA B 163 -17.65 -14.22 -4.15
CA ALA B 163 -17.66 -14.43 -5.60
C ALA B 163 -18.58 -15.59 -5.96
N GLU B 164 -19.02 -15.57 -7.22
CA GLU B 164 -19.88 -16.63 -7.74
C GLU B 164 -19.02 -17.72 -8.37
N PHE B 165 -19.25 -18.96 -7.95
CA PHE B 165 -18.38 -20.06 -8.37
C PHE B 165 -18.52 -20.37 -9.86
N TRP B 166 -19.70 -20.13 -10.44
CA TRP B 166 -19.95 -20.49 -11.82
C TRP B 166 -19.54 -19.40 -12.82
N SER B 167 -19.23 -18.20 -12.35
CA SER B 167 -18.84 -17.12 -13.23
C SER B 167 -17.34 -17.22 -13.57
N GLN B 168 -16.93 -16.38 -14.53
CA GLN B 168 -15.53 -16.26 -14.92
C GLN B 168 -15.12 -14.80 -14.83
N TYR B 169 -14.03 -14.53 -14.11
CA TYR B 169 -13.61 -13.18 -13.82
C TYR B 169 -12.37 -12.80 -14.64
N ARG B 170 -12.16 -11.49 -14.76
CA ARG B 170 -10.99 -10.94 -15.43
C ARG B 170 -10.36 -9.90 -14.51
N ILE B 171 -9.21 -10.24 -13.93
CA ILE B 171 -8.56 -9.41 -12.93
C ILE B 171 -7.64 -8.41 -13.61
N ASN B 172 -7.74 -7.15 -13.20
CA ASN B 172 -6.97 -6.05 -13.77
C ASN B 172 -6.00 -5.54 -12.71
N VAL B 173 -4.72 -5.87 -12.88
CA VAL B 173 -3.66 -5.38 -12.02
C VAL B 173 -2.84 -4.39 -12.83
N THR B 174 -2.85 -3.12 -12.43
CA THR B 174 -2.18 -2.05 -13.16
C THR B 174 -1.02 -1.53 -12.33
N GLU B 175 0.20 -1.69 -12.87
CA GLU B 175 1.40 -1.17 -12.24
C GLU B 175 1.66 0.25 -12.72
N VAL B 176 1.76 1.19 -11.80
CA VAL B 176 1.90 2.61 -12.13
C VAL B 176 3.15 3.16 -11.46
N ASN B 177 3.99 3.83 -12.25
CA ASN B 177 5.12 4.61 -11.77
C ASN B 177 5.04 5.98 -12.44
N PRO B 178 5.84 6.95 -12.00
CA PRO B 178 5.73 8.31 -12.56
C PRO B 178 5.97 8.44 -14.06
N LEU B 179 6.07 7.33 -14.79
CA LEU B 179 6.25 7.38 -16.23
C LEU B 179 5.13 6.74 -17.03
N GLY B 180 4.15 6.12 -16.40
CA GLY B 180 3.04 5.54 -17.11
C GLY B 180 2.43 4.39 -16.32
N ALA B 181 1.66 3.57 -17.03
CA ALA B 181 0.96 2.45 -16.45
C ALA B 181 1.16 1.21 -17.32
N SER B 182 0.89 0.05 -16.72
CA SER B 182 0.98 -1.22 -17.44
C SER B 182 -0.08 -2.16 -16.88
N THR B 183 -0.96 -2.66 -17.74
CA THR B 183 -2.10 -3.47 -17.34
C THR B 183 -1.88 -4.92 -17.75
N ARG B 184 -2.01 -5.82 -16.77
CA ARG B 184 -1.97 -7.26 -17.02
C ARG B 184 -3.32 -7.85 -16.67
N LEU B 185 -4.04 -8.35 -17.68
CA LEU B 185 -5.31 -9.00 -17.46
C LEU B 185 -5.12 -10.51 -17.34
N LEU B 186 -5.89 -11.12 -16.43
CA LEU B 186 -5.76 -12.55 -16.15
C LEU B 186 -7.15 -13.14 -15.98
N ASP B 187 -7.58 -13.96 -16.95
CA ASP B 187 -8.84 -14.68 -16.84
C ASP B 187 -8.73 -15.72 -15.73
N VAL B 188 -9.71 -15.72 -14.82
CA VAL B 188 -9.68 -16.57 -13.63
C VAL B 188 -11.01 -17.30 -13.54
N SER B 189 -10.95 -18.64 -13.49
CA SER B 189 -12.11 -19.48 -13.25
C SER B 189 -12.00 -20.10 -11.88
N LEU B 190 -13.02 -19.89 -11.04
CA LEU B 190 -12.96 -20.32 -9.65
C LEU B 190 -12.87 -21.84 -9.51
N GLN B 191 -13.38 -22.58 -10.49
CA GLN B 191 -13.37 -24.03 -10.40
C GLN B 191 -11.99 -24.63 -10.62
N SER B 192 -11.06 -23.90 -11.23
CA SER B 192 -9.76 -24.44 -11.61
C SER B 192 -8.65 -24.10 -10.62
N ILE B 193 -8.73 -22.96 -9.93
CA ILE B 193 -7.66 -22.50 -9.05
C ILE B 193 -7.91 -22.90 -7.60
N LEU B 194 -8.89 -23.75 -7.34
CA LEU B 194 -9.26 -24.08 -5.97
C LEU B 194 -8.22 -24.97 -5.31
N ARG B 195 -7.75 -24.57 -4.13
CA ARG B 195 -6.88 -25.39 -3.30
C ARG B 195 -7.22 -25.06 -1.85
N PRO B 196 -7.96 -25.93 -1.17
CA PRO B 196 -8.45 -25.59 0.18
C PRO B 196 -7.34 -25.60 1.21
N ASP B 197 -7.69 -25.11 2.40
CA ASP B 197 -6.79 -25.12 3.54
C ASP B 197 -6.86 -26.47 4.26
N PRO B 198 -5.81 -26.84 5.00
CA PRO B 198 -5.80 -28.15 5.64
C PRO B 198 -6.87 -28.24 6.71
N PRO B 199 -7.38 -29.44 6.98
CA PRO B 199 -8.37 -29.60 8.06
C PRO B 199 -7.74 -29.32 9.42
N GLN B 200 -8.61 -29.02 10.38
CA GLN B 200 -8.21 -28.65 11.72
C GLN B 200 -8.72 -29.65 12.74
N GLY B 201 -8.21 -29.53 13.96
CA GLY B 201 -8.69 -30.34 15.07
C GLY B 201 -8.48 -31.83 14.94
N LEU B 202 -7.36 -32.24 14.36
CA LEU B 202 -7.07 -33.67 14.22
C LEU B 202 -6.74 -34.25 15.58
N ARG B 203 -7.49 -35.27 15.99
CA ARG B 203 -7.30 -35.93 17.28
C ARG B 203 -7.16 -37.42 17.07
N VAL B 204 -6.13 -38.00 17.69
CA VAL B 204 -5.86 -39.44 17.60
C VAL B 204 -6.17 -40.04 18.97
N GLU B 205 -7.19 -40.89 19.02
CA GLU B 205 -7.65 -41.49 20.25
C GLU B 205 -7.47 -43.00 20.21
N SER B 206 -7.42 -43.61 21.38
CA SER B 206 -7.39 -45.05 21.50
C SER B 206 -8.80 -45.62 21.53
N VAL B 207 -8.90 -46.92 21.27
CA VAL B 207 -10.17 -47.63 21.26
C VAL B 207 -10.12 -48.69 22.35
N PRO B 208 -11.03 -48.70 23.31
CA PRO B 208 -10.97 -49.68 24.40
C PRO B 208 -11.24 -51.09 23.89
N GLY B 209 -10.34 -52.01 24.23
CA GLY B 209 -10.47 -53.40 23.84
C GLY B 209 -9.78 -53.77 22.55
N TYR B 210 -9.24 -52.80 21.81
CA TYR B 210 -8.58 -53.05 20.53
C TYR B 210 -7.18 -52.44 20.57
N PRO B 211 -6.14 -53.25 20.77
CA PRO B 211 -4.79 -52.71 20.90
C PRO B 211 -4.14 -52.29 19.60
N ARG B 212 -4.80 -52.48 18.45
CA ARG B 212 -4.24 -52.11 17.17
C ARG B 212 -5.09 -51.09 16.43
N ARG B 213 -5.98 -50.39 17.14
CA ARG B 213 -6.94 -49.50 16.51
C ARG B 213 -6.82 -48.10 17.11
N LEU B 214 -6.84 -47.09 16.23
CA LEU B 214 -6.80 -45.69 16.62
C LEU B 214 -7.88 -44.92 15.88
N ARG B 215 -8.72 -44.21 16.64
CA ARG B 215 -9.78 -43.41 16.05
C ARG B 215 -9.26 -41.99 15.82
N ALA B 216 -9.21 -41.58 14.56
CA ALA B 216 -8.76 -40.25 14.16
C ALA B 216 -9.98 -39.44 13.72
N SER B 217 -10.18 -38.29 14.37
CA SER B 217 -11.30 -37.41 14.05
C SER B 217 -10.80 -35.99 13.85
N TRP B 218 -11.47 -35.26 12.97
CA TRP B 218 -11.09 -33.89 12.64
C TRP B 218 -12.33 -33.16 12.11
N THR B 219 -12.15 -31.93 11.65
CA THR B 219 -13.25 -31.12 11.15
C THR B 219 -12.80 -30.39 9.89
N TYR B 220 -13.78 -29.81 9.19
CA TYR B 220 -13.49 -28.97 8.04
C TYR B 220 -12.68 -27.76 8.47
N PRO B 221 -11.83 -27.22 7.58
CA PRO B 221 -11.11 -25.98 7.92
C PRO B 221 -12.08 -24.81 8.07
N ALA B 222 -11.60 -23.79 8.78
CA ALA B 222 -12.43 -22.61 9.01
C ALA B 222 -12.73 -21.86 7.72
N SER B 223 -11.88 -22.00 6.70
CA SER B 223 -12.11 -21.32 5.44
C SER B 223 -13.28 -21.93 4.66
N TRP B 224 -13.66 -23.16 4.96
CA TRP B 224 -14.80 -23.78 4.28
C TRP B 224 -16.09 -23.38 4.99
N PRO B 225 -17.04 -22.76 4.28
CA PRO B 225 -18.23 -22.22 4.96
C PRO B 225 -19.12 -23.30 5.53
N SER B 226 -19.99 -22.88 6.45
CA SER B 226 -20.96 -23.78 7.06
C SER B 226 -22.15 -23.99 6.14
N GLN B 227 -22.85 -25.10 6.36
CA GLN B 227 -23.97 -25.52 5.52
C GLN B 227 -23.56 -25.59 4.04
N PRO B 228 -22.58 -26.41 3.69
CA PRO B 228 -22.04 -26.39 2.33
C PRO B 228 -22.82 -27.28 1.37
N HIS B 229 -22.77 -26.88 0.09
CA HIS B 229 -23.26 -27.72 -1.00
C HIS B 229 -22.15 -28.49 -1.71
N PHE B 230 -20.89 -28.11 -1.47
CA PHE B 230 -19.74 -28.79 -2.05
C PHE B 230 -18.94 -29.44 -0.92
N LEU B 231 -18.89 -30.77 -0.91
CA LEU B 231 -18.20 -31.49 0.15
C LEU B 231 -16.70 -31.55 -0.14
N LEU B 232 -15.96 -32.18 0.78
CA LEU B 232 -14.53 -32.38 0.65
C LEU B 232 -14.20 -33.85 0.86
N LYS B 233 -13.28 -34.36 0.04
CA LYS B 233 -12.70 -35.68 0.24
C LYS B 233 -11.34 -35.52 0.93
N PHE B 234 -11.06 -36.43 1.85
CA PHE B 234 -9.87 -36.34 2.68
C PHE B 234 -8.91 -37.49 2.40
N ARG B 235 -7.66 -37.29 2.81
CA ARG B 235 -6.62 -38.30 2.69
C ARG B 235 -5.78 -38.28 3.95
N LEU B 236 -5.77 -39.40 4.67
CA LEU B 236 -5.12 -39.50 5.97
C LEU B 236 -3.84 -40.31 5.85
N GLN B 237 -2.83 -39.90 6.62
CA GLN B 237 -1.55 -40.61 6.69
C GLN B 237 -1.21 -40.86 8.15
N TYR B 238 -0.84 -42.09 8.48
CA TYR B 238 -0.42 -42.44 9.82
C TYR B 238 0.94 -43.12 9.75
N ARG B 239 1.62 -43.16 10.89
CA ARG B 239 3.02 -43.56 10.89
C ARG B 239 3.50 -43.92 12.30
N PRO B 240 4.16 -45.06 12.47
CA PRO B 240 4.69 -45.42 13.79
C PRO B 240 5.73 -44.41 14.26
N ALA B 241 6.12 -44.55 15.52
CA ALA B 241 7.05 -43.60 16.14
C ALA B 241 8.39 -43.58 15.41
N GLN B 242 8.73 -42.41 14.87
CA GLN B 242 10.02 -42.16 14.23
C GLN B 242 10.30 -43.13 13.08
N HIS B 243 9.26 -43.59 12.41
CA HIS B 243 9.45 -44.31 11.16
C HIS B 243 9.50 -43.32 9.99
N PRO B 244 10.11 -43.70 8.88
CA PRO B 244 10.22 -42.77 7.76
C PRO B 244 9.08 -42.87 6.76
N ALA B 245 8.44 -44.03 6.66
CA ALA B 245 7.44 -44.28 5.64
C ALA B 245 6.03 -44.06 6.20
N TRP B 246 5.21 -43.36 5.44
CA TRP B 246 3.81 -43.12 5.79
C TRP B 246 2.91 -44.21 5.23
N SER B 247 1.83 -44.48 5.97
CA SER B 247 0.77 -45.37 5.52
C SER B 247 -0.45 -44.50 5.22
N THR B 248 -0.89 -44.53 3.97
CA THR B 248 -1.91 -43.60 3.48
C THR B 248 -3.26 -44.28 3.37
N VAL B 249 -4.27 -43.70 4.02
CA VAL B 249 -5.65 -44.14 3.93
C VAL B 249 -6.48 -42.96 3.47
N GLU B 250 -7.47 -43.22 2.61
CA GLU B 250 -8.34 -42.18 2.06
C GLU B 250 -9.71 -42.29 2.71
N PRO B 251 -9.97 -41.56 3.79
CA PRO B 251 -11.21 -41.73 4.53
C PRO B 251 -12.40 -41.10 3.81
N ALA B 252 -13.58 -41.39 4.34
CA ALA B 252 -14.83 -40.80 3.88
C ALA B 252 -15.47 -40.08 5.06
N GLY B 253 -15.42 -38.75 5.04
CA GLY B 253 -15.98 -37.96 6.12
C GLY B 253 -14.95 -37.47 7.11
N LEU B 254 -15.39 -37.21 8.34
CA LEU B 254 -14.55 -36.64 9.38
C LEU B 254 -14.05 -37.67 10.40
N GLU B 255 -14.07 -38.95 10.04
CA GLU B 255 -13.65 -40.00 10.96
C GLU B 255 -12.96 -41.11 10.18
N GLU B 256 -12.02 -41.78 10.85
CA GLU B 256 -11.32 -42.92 10.25
C GLU B 256 -10.71 -43.74 11.38
N VAL B 257 -11.17 -44.97 11.53
CA VAL B 257 -10.67 -45.86 12.58
C VAL B 257 -9.58 -46.73 11.95
N ILE B 258 -8.32 -46.43 12.29
CA ILE B 258 -7.21 -47.23 11.81
C ILE B 258 -7.25 -48.60 12.46
N THR B 259 -6.90 -49.63 11.71
CA THR B 259 -6.83 -51.00 12.23
C THR B 259 -5.47 -51.64 12.03
N ASP B 260 -4.44 -50.86 11.70
CA ASP B 260 -3.12 -51.38 11.39
C ASP B 260 -2.05 -50.84 12.32
N ALA B 261 -2.42 -50.16 13.40
CA ALA B 261 -1.45 -49.53 14.28
C ALA B 261 -0.69 -50.56 15.11
N VAL B 262 0.53 -50.19 15.51
CA VAL B 262 1.35 -51.04 16.36
C VAL B 262 0.96 -50.81 17.81
N ALA B 263 0.74 -51.90 18.54
CA ALA B 263 0.31 -51.80 19.93
C ALA B 263 1.42 -51.21 20.80
N GLY B 264 1.08 -50.22 21.61
CA GLY B 264 2.02 -49.63 22.54
C GLY B 264 3.02 -48.66 21.94
N LEU B 265 2.76 -48.16 20.74
CA LEU B 265 3.65 -47.22 20.09
C LEU B 265 2.92 -45.93 19.75
N PRO B 266 3.48 -44.77 20.07
CA PRO B 266 2.87 -43.50 19.63
C PRO B 266 2.92 -43.39 18.11
N HIS B 267 1.79 -42.96 17.53
CA HIS B 267 1.65 -42.83 16.09
C HIS B 267 1.37 -41.39 15.71
N ALA B 268 1.96 -40.95 14.60
CA ALA B 268 1.75 -39.61 14.06
C ALA B 268 0.75 -39.68 12.92
N VAL B 269 -0.27 -38.83 12.98
CA VAL B 269 -1.34 -38.81 11.99
C VAL B 269 -1.45 -37.40 11.41
N ARG B 270 -1.70 -37.33 10.10
CA ARG B 270 -1.90 -36.06 9.42
C ARG B 270 -2.84 -36.28 8.24
N VAL B 271 -3.65 -35.27 7.95
CA VAL B 271 -4.68 -35.36 6.92
C VAL B 271 -4.55 -34.20 5.94
N SER B 272 -5.20 -34.37 4.79
CA SER B 272 -5.29 -33.31 3.78
C SER B 272 -6.65 -33.43 3.11
N ALA B 273 -7.13 -32.30 2.58
CA ALA B 273 -8.46 -32.22 2.00
C ALA B 273 -8.39 -31.87 0.53
N ARG B 274 -9.51 -32.09 -0.16
CA ARG B 274 -9.66 -31.76 -1.57
C ARG B 274 -11.14 -31.78 -1.91
N ASP B 275 -11.51 -31.00 -2.93
CA ASP B 275 -12.88 -31.00 -3.43
C ASP B 275 -13.31 -32.41 -3.83
N PHE B 276 -14.55 -32.76 -3.47
CA PHE B 276 -15.02 -34.13 -3.65
C PHE B 276 -15.12 -34.53 -5.11
N LEU B 277 -15.17 -33.58 -6.04
CA LEU B 277 -15.23 -33.86 -7.46
C LEU B 277 -13.86 -33.83 -8.12
N ASP B 278 -12.79 -34.04 -7.34
CA ASP B 278 -11.41 -34.02 -7.83
C ASP B 278 -11.03 -32.69 -8.47
N ALA B 279 -11.78 -31.63 -8.18
CA ALA B 279 -11.50 -30.32 -8.76
C ALA B 279 -10.39 -29.63 -7.99
N GLY B 280 -9.50 -28.96 -8.72
CA GLY B 280 -8.39 -28.26 -8.09
C GLY B 280 -7.26 -29.20 -7.72
N THR B 281 -6.56 -28.85 -6.65
CA THR B 281 -5.40 -29.60 -6.17
C THR B 281 -5.63 -30.03 -4.73
N TRP B 282 -4.65 -30.76 -4.19
CA TRP B 282 -4.71 -31.23 -2.82
C TRP B 282 -4.25 -30.15 -1.85
N SER B 283 -4.91 -30.08 -0.71
CA SER B 283 -4.51 -29.16 0.34
C SER B 283 -3.18 -29.58 0.93
N THR B 284 -2.48 -28.61 1.53
CA THR B 284 -1.24 -28.92 2.23
C THR B 284 -1.54 -29.81 3.44
N TRP B 285 -0.53 -30.59 3.84
CA TRP B 285 -0.70 -31.51 4.95
C TRP B 285 -0.92 -30.75 6.26
N SER B 286 -1.90 -31.22 7.03
CA SER B 286 -2.16 -30.64 8.34
C SER B 286 -1.00 -30.96 9.29
N PRO B 287 -0.83 -30.15 10.34
CA PRO B 287 0.20 -30.45 11.33
C PRO B 287 -0.01 -31.83 11.96
N GLU B 288 1.09 -32.53 12.19
CA GLU B 288 1.02 -33.89 12.71
C GLU B 288 0.46 -33.90 14.13
N ALA B 289 -0.47 -34.83 14.38
CA ALA B 289 -1.03 -35.07 15.70
C ALA B 289 -0.66 -36.48 16.13
N TRP B 290 -0.33 -36.63 17.42
CA TRP B 290 0.18 -37.89 17.94
C TRP B 290 -0.86 -38.57 18.82
N GLY B 291 -0.89 -39.89 18.77
CA GLY B 291 -1.80 -40.69 19.57
C GLY B 291 -1.22 -42.05 19.80
N THR B 292 -1.66 -42.69 20.88
CA THR B 292 -1.15 -44.00 21.25
C THR B 292 -2.32 -44.96 21.44
N PRO B 293 -2.26 -46.15 20.85
CA PRO B 293 -3.35 -47.13 21.04
C PRO B 293 -3.44 -47.57 22.49
N SER B 294 -4.54 -48.26 22.79
CA SER B 294 -4.79 -48.72 24.15
C SER B 294 -3.74 -49.73 24.57
N THR B 295 -3.57 -49.86 25.88
CA THR B 295 -2.60 -50.82 26.42
C THR B 295 -3.08 -52.24 26.16
N GLY B 296 -2.40 -52.93 25.25
CA GLY B 296 -2.77 -54.27 24.85
C GLY B 296 -1.67 -55.27 25.15
#